data_8QY1
#
_entry.id   8QY1
#
_cell.length_a   78.050
_cell.length_b   78.050
_cell.length_c   133.510
_cell.angle_alpha   90.00
_cell.angle_beta   90.00
_cell.angle_gamma   90.00
#
_symmetry.space_group_name_H-M   'P 43 21 2'
#
loop_
_entity.id
_entity.type
_entity.pdbx_description
1 polymer Endo-1,4-beta-xylanase
2 branched beta-D-xylopyranose-(1-4)-beta-D-xylopyranose
3 branched beta-D-xylopyranose-(1-4)-beta-D-xylopyranose-(1-4)-beta-D-xylopyranose-(1-4)-beta-D-xylopyranose
4 non-polymer 'ZINC ION'
5 non-polymer 2-[BIS-(2-HYDROXY-ETHYL)-AMINO]-2-HYDROXYMETHYL-PROPANE-1,3-DIOL
6 non-polymer 'ACETATE ION'
7 water water
#
_entity_poly.entity_id   1
_entity_poly.type   'polypeptide(L)'
_entity_poly.pdbx_seq_one_letter_code
;ASTDYWQNWTDGGGIVNAVNGSGGNYSVNWSNTGNFVVGKGWTTGSPFRTINYNAGVWAPNGNGYLTLAGWTRSPLIQYY
VVDSWGTYRPTGTYKGTVKSDGGTYDIYTTTRYNAPSIDGDRTTFTQYWSVRQSKRPTGSNATITFTNHVNAWKSHGMNL
GSNWAYQVMATEGYQSSGSSNVTVW
;
_entity_poly.pdbx_strand_id   A,B
#
# COMPACT_ATOMS: atom_id res chain seq x y z
N SER A 2 20.87 -26.74 2.34
CA SER A 2 19.39 -26.58 2.25
C SER A 2 19.01 -25.32 3.03
N THR A 3 17.71 -25.05 3.11
CA THR A 3 17.26 -23.82 3.74
C THR A 3 17.33 -24.01 5.24
N ASP A 4 17.66 -22.97 5.99
CA ASP A 4 17.76 -23.09 7.42
C ASP A 4 17.01 -21.95 8.10
N TYR A 5 16.16 -21.21 7.37
CA TYR A 5 15.54 -20.04 7.99
C TYR A 5 14.10 -19.88 7.52
N TRP A 6 13.28 -19.57 8.53
CA TRP A 6 11.87 -19.28 8.44
C TRP A 6 11.67 -17.82 8.86
N GLN A 7 11.18 -17.01 7.92
CA GLN A 7 10.81 -15.62 8.14
C GLN A 7 9.30 -15.52 8.15
N ASN A 8 8.77 -14.91 9.21
CA ASN A 8 7.35 -14.68 9.34
C ASN A 8 7.20 -13.43 10.18
N TRP A 9 7.11 -12.28 9.49
CA TRP A 9 6.95 -11.00 10.16
C TRP A 9 5.64 -10.37 9.69
N THR A 10 4.85 -9.89 10.67
CA THR A 10 3.71 -9.04 10.37
C THR A 10 3.79 -7.80 11.25
N ASP A 11 3.33 -6.65 10.73
CA ASP A 11 3.22 -5.45 11.52
C ASP A 11 1.95 -5.50 12.37
N GLY A 12 1.15 -6.57 12.24
CA GLY A 12 -0.01 -6.79 13.08
C GLY A 12 -1.33 -6.48 12.39
N GLY A 13 -1.32 -5.88 11.19
CA GLY A 13 -2.55 -5.60 10.47
C GLY A 13 -3.14 -6.87 9.83
N GLY A 14 -4.48 -7.04 9.97
CA GLY A 14 -5.22 -8.16 9.40
C GLY A 14 -4.63 -9.53 9.75
N ILE A 15 -4.91 -10.51 8.90
CA ILE A 15 -4.52 -11.89 9.11
C ILE A 15 -3.40 -12.25 8.14
N VAL A 16 -2.37 -12.86 8.70
CA VAL A 16 -1.31 -13.48 7.95
C VAL A 16 -1.15 -14.92 8.46
N ASN A 17 -1.77 -15.89 7.80
CA ASN A 17 -1.62 -17.29 8.21
C ASN A 17 -0.52 -17.95 7.39
N ALA A 18 0.66 -17.98 7.99
CA ALA A 18 1.84 -18.54 7.34
C ALA A 18 2.10 -19.94 7.88
N VAL A 19 2.39 -20.89 7.01
CA VAL A 19 2.63 -22.27 7.43
C VAL A 19 4.09 -22.61 7.13
N ASN A 20 4.87 -22.87 8.18
CA ASN A 20 6.20 -23.43 8.02
C ASN A 20 6.08 -24.91 7.66
N GLY A 21 6.17 -25.24 6.37
CA GLY A 21 5.96 -26.59 5.90
C GLY A 21 7.24 -27.40 6.01
N SER A 22 7.26 -28.54 5.33
CA SER A 22 8.39 -29.44 5.40
C SER A 22 9.39 -29.11 4.30
N GLY A 23 10.66 -29.31 4.65
CA GLY A 23 11.75 -28.83 3.81
C GLY A 23 11.66 -27.32 3.58
N GLY A 24 11.80 -26.95 2.31
CA GLY A 24 11.82 -25.57 1.89
C GLY A 24 10.43 -25.05 1.53
N ASN A 25 9.38 -25.75 1.95
CA ASN A 25 8.03 -25.43 1.52
C ASN A 25 7.36 -24.55 2.56
N TYR A 26 6.56 -23.57 2.07
CA TYR A 26 5.75 -22.77 2.95
C TYR A 26 4.52 -22.28 2.19
N SER A 27 3.49 -21.89 2.95
CA SER A 27 2.32 -21.24 2.35
C SER A 27 1.92 -20.05 3.19
N VAL A 28 1.17 -19.13 2.59
CA VAL A 28 0.66 -17.96 3.26
C VAL A 28 -0.76 -17.73 2.75
N ASN A 29 -1.72 -17.58 3.65
CA ASN A 29 -3.02 -17.07 3.28
C ASN A 29 -3.28 -15.84 4.12
N TRP A 30 -3.49 -14.72 3.43
CA TRP A 30 -3.54 -13.44 4.11
C TRP A 30 -4.79 -12.64 3.71
N SER A 31 -5.21 -11.77 4.64
CA SER A 31 -6.44 -11.03 4.52
C SER A 31 -6.27 -9.62 5.07
N ASN A 32 -6.57 -8.63 4.22
CA ASN A 32 -6.67 -7.23 4.59
C ASN A 32 -5.49 -6.86 5.49
N THR A 33 -4.27 -7.07 5.00
CA THR A 33 -3.10 -6.99 5.87
C THR A 33 -2.59 -5.56 6.00
N GLY A 34 -1.70 -5.35 6.98
CA GLY A 34 -0.72 -4.29 6.95
C GLY A 34 0.45 -4.76 6.07
N ASN A 35 1.67 -4.48 6.50
CA ASN A 35 2.87 -4.92 5.83
C ASN A 35 3.29 -6.25 6.46
N PHE A 36 3.68 -7.23 5.64
CA PHE A 36 4.25 -8.45 6.18
C PHE A 36 5.26 -9.04 5.21
N VAL A 37 6.14 -9.90 5.75
CA VAL A 37 7.10 -10.64 4.93
C VAL A 37 7.21 -12.04 5.48
N VAL A 38 6.94 -13.02 4.61
CA VAL A 38 7.01 -14.43 4.97
C VAL A 38 7.86 -15.14 3.94
N GLY A 39 8.77 -16.01 4.40
CA GLY A 39 9.44 -16.89 3.46
C GLY A 39 10.49 -17.81 4.11
N LYS A 40 11.08 -18.65 3.25
CA LYS A 40 12.15 -19.57 3.61
C LYS A 40 13.42 -19.26 2.82
N GLY A 41 14.57 -19.49 3.46
CA GLY A 41 15.87 -19.41 2.82
C GLY A 41 16.98 -19.64 3.85
N TRP A 42 17.82 -18.63 4.05
CA TRP A 42 19.09 -18.81 4.74
C TRP A 42 19.30 -17.71 5.76
N THR A 43 19.83 -18.12 6.91
CA THR A 43 20.11 -17.24 8.01
C THR A 43 21.17 -16.25 7.56
N THR A 44 22.15 -16.78 6.84
CA THR A 44 23.26 -16.00 6.33
C THR A 44 23.19 -16.01 4.82
N GLY A 45 22.90 -14.81 4.28
CA GLY A 45 22.82 -14.61 2.86
C GLY A 45 24.22 -14.64 2.26
N SER A 46 24.26 -14.89 0.96
CA SER A 46 25.49 -14.89 0.21
C SER A 46 25.29 -14.19 -1.12
N PRO A 47 26.26 -13.34 -1.53
CA PRO A 47 26.21 -12.70 -2.85
C PRO A 47 26.34 -13.69 -4.00
N PHE A 48 26.75 -14.94 -3.70
CA PHE A 48 27.08 -15.93 -4.70
C PHE A 48 25.95 -16.93 -4.88
N ARG A 49 24.94 -16.88 -4.02
CA ARG A 49 23.98 -17.96 -3.96
C ARG A 49 23.07 -17.96 -5.20
N THR A 50 22.78 -19.18 -5.66
CA THR A 50 21.73 -19.46 -6.61
C THR A 50 20.53 -19.98 -5.83
N ILE A 51 19.42 -19.22 -5.86
CA ILE A 51 18.20 -19.57 -5.17
C ILE A 51 17.29 -20.26 -6.18
N ASN A 52 16.81 -21.45 -5.83
CA ASN A 52 15.83 -22.18 -6.62
C ASN A 52 14.50 -22.10 -5.88
N TYR A 53 13.40 -21.97 -6.62
CA TYR A 53 12.10 -22.01 -5.99
C TYR A 53 11.06 -22.45 -7.02
N ASN A 54 9.92 -22.88 -6.48
CA ASN A 54 8.77 -23.17 -7.29
C ASN A 54 7.60 -22.59 -6.55
N ALA A 55 6.94 -21.61 -7.16
CA ALA A 55 5.72 -21.07 -6.57
C ALA A 55 4.52 -21.86 -7.09
N GLY A 56 4.07 -22.85 -6.31
CA GLY A 56 2.92 -23.66 -6.69
C GLY A 56 1.65 -22.83 -6.71
N VAL A 57 1.59 -21.78 -5.86
CA VAL A 57 0.46 -20.87 -5.86
C VAL A 57 0.99 -19.45 -5.77
N TRP A 58 0.51 -18.61 -6.68
CA TRP A 58 0.79 -17.19 -6.59
C TRP A 58 -0.50 -16.45 -6.91
N ALA A 59 -1.25 -16.15 -5.85
CA ALA A 59 -2.57 -15.55 -6.01
C ALA A 59 -2.71 -14.34 -5.09
N PRO A 60 -1.94 -13.24 -5.30
CA PRO A 60 -2.21 -11.99 -4.59
C PRO A 60 -3.49 -11.33 -5.08
N ASN A 61 -4.24 -10.73 -4.15
CA ASN A 61 -5.38 -9.87 -4.47
C ASN A 61 -5.09 -8.49 -3.92
N GLY A 62 -4.36 -7.69 -4.69
CA GLY A 62 -3.80 -6.44 -4.19
C GLY A 62 -2.27 -6.46 -4.24
N ASN A 63 -1.64 -5.63 -3.39
CA ASN A 63 -0.19 -5.54 -3.36
C ASN A 63 0.42 -6.74 -2.64
N GLY A 64 0.95 -7.70 -3.40
CA GLY A 64 1.93 -8.66 -2.91
C GLY A 64 3.07 -8.85 -3.91
N TYR A 65 4.28 -9.18 -3.40
CA TYR A 65 5.46 -9.40 -4.21
C TYR A 65 5.91 -10.85 -3.99
N LEU A 66 6.27 -11.52 -5.07
CA LEU A 66 6.99 -12.80 -5.02
C LEU A 66 8.43 -12.48 -5.33
N THR A 67 9.27 -12.52 -4.30
CA THR A 67 10.52 -11.81 -4.38
C THR A 67 11.58 -12.48 -3.51
N LEU A 68 12.80 -12.51 -4.02
CA LEU A 68 13.94 -12.69 -3.14
C LEU A 68 14.03 -11.44 -2.29
N ALA A 69 14.20 -11.67 -0.99
CA ALA A 69 14.29 -10.61 -0.03
C ALA A 69 15.44 -10.90 0.92
N GLY A 70 16.23 -9.86 1.22
CA GLY A 70 17.31 -10.01 2.17
C GLY A 70 17.82 -8.66 2.64
N TRP A 71 18.76 -8.76 3.58
CA TRP A 71 19.36 -7.61 4.22
C TRP A 71 20.88 -7.78 4.31
N THR A 72 21.59 -6.65 4.28
CA THR A 72 22.94 -6.60 4.84
C THR A 72 23.03 -5.51 5.89
N ARG A 73 24.04 -5.66 6.78
CA ARG A 73 24.56 -4.57 7.59
C ARG A 73 25.95 -4.16 7.12
N SER A 74 26.39 -2.98 7.55
CA SER A 74 27.69 -2.40 7.26
C SER A 74 27.87 -2.18 5.76
N PRO A 75 27.05 -1.36 5.07
CA PRO A 75 25.86 -0.75 5.65
C PRO A 75 24.58 -1.60 5.58
N LEU A 76 23.60 -1.07 6.33
CA LEU A 76 22.25 -1.59 6.39
C LEU A 76 21.53 -1.32 5.07
N ILE A 77 21.25 -2.39 4.33
CA ILE A 77 20.55 -2.30 3.07
C ILE A 77 19.55 -3.44 2.99
N GLN A 78 18.40 -3.14 2.42
CA GLN A 78 17.42 -4.17 2.11
C GLN A 78 17.38 -4.31 0.60
N TYR A 79 17.33 -5.54 0.14
CA TYR A 79 17.39 -5.80 -1.28
C TYR A 79 16.30 -6.78 -1.63
N TYR A 80 15.93 -6.72 -2.90
CA TYR A 80 14.86 -7.49 -3.49
C TYR A 80 15.20 -7.93 -4.90
N VAL A 81 14.80 -9.14 -5.25
CA VAL A 81 14.68 -9.52 -6.63
C VAL A 81 13.25 -9.99 -6.85
N VAL A 82 12.42 -9.10 -7.42
CA VAL A 82 10.98 -9.31 -7.58
C VAL A 82 10.70 -9.99 -8.91
N ASP A 83 10.14 -11.20 -8.83
CA ASP A 83 9.77 -12.00 -9.97
C ASP A 83 8.31 -11.84 -10.39
N SER A 84 7.40 -11.71 -9.39
CA SER A 84 5.99 -11.48 -9.68
C SER A 84 5.38 -10.56 -8.63
N TRP A 85 4.20 -10.05 -8.94
CA TRP A 85 3.52 -9.15 -8.04
C TRP A 85 2.02 -9.26 -8.27
N GLY A 86 1.26 -8.36 -7.61
CA GLY A 86 -0.18 -8.35 -7.77
C GLY A 86 -0.63 -7.12 -8.56
N THR A 87 -1.16 -6.14 -7.84
CA THR A 87 -1.75 -4.98 -8.48
C THR A 87 -0.72 -3.88 -8.61
N TYR A 88 0.47 -4.07 -8.05
CA TYR A 88 1.44 -2.99 -8.01
C TYR A 88 2.84 -3.51 -8.34
N ARG A 89 3.47 -2.90 -9.36
CA ARG A 89 4.86 -3.17 -9.71
C ARG A 89 5.73 -2.15 -9.00
N PRO A 90 6.61 -2.59 -8.07
CA PRO A 90 7.44 -1.66 -7.33
C PRO A 90 8.47 -1.03 -8.24
N THR A 91 8.64 0.27 -8.07
CA THR A 91 9.62 1.01 -8.82
C THR A 91 10.25 2.03 -7.86
N GLY A 92 11.24 2.75 -8.33
CA GLY A 92 11.90 3.80 -7.57
C GLY A 92 12.77 4.58 -8.54
N THR A 93 13.94 5.04 -8.09
CA THR A 93 14.90 5.69 -8.96
C THR A 93 15.52 4.69 -9.90
N TYR A 94 15.33 4.91 -11.20
CA TYR A 94 15.81 3.98 -12.21
C TYR A 94 17.34 4.06 -12.35
N LYS A 95 18.01 2.90 -12.27
CA LYS A 95 19.46 2.81 -12.32
C LYS A 95 19.95 2.07 -13.56
N GLY A 96 19.12 1.23 -14.16
CA GLY A 96 19.53 0.45 -15.33
C GLY A 96 18.71 -0.82 -15.45
N THR A 97 19.28 -1.84 -16.11
CA THR A 97 18.64 -3.15 -16.24
C THR A 97 19.65 -4.25 -15.97
N VAL A 98 19.17 -5.48 -15.77
CA VAL A 98 20.02 -6.65 -15.75
C VAL A 98 19.22 -7.82 -16.28
N LYS A 99 19.85 -8.66 -17.10
CA LYS A 99 19.24 -9.86 -17.64
C LYS A 99 19.69 -11.03 -16.78
N SER A 100 18.77 -11.89 -16.35
CA SER A 100 19.17 -13.00 -15.49
C SER A 100 18.06 -14.04 -15.56
N ASP A 101 18.43 -15.31 -15.71
CA ASP A 101 17.49 -16.41 -15.54
C ASP A 101 16.28 -16.27 -16.46
N GLY A 102 16.48 -15.80 -17.68
CA GLY A 102 15.43 -15.82 -18.68
C GLY A 102 14.63 -14.52 -18.73
N GLY A 103 14.93 -13.55 -17.86
CA GLY A 103 14.17 -12.33 -17.84
C GLY A 103 15.05 -11.10 -17.79
N THR A 104 14.42 -9.94 -18.05
CA THR A 104 15.03 -8.64 -17.86
C THR A 104 14.36 -7.98 -16.68
N TYR A 105 15.19 -7.41 -15.81
CA TYR A 105 14.78 -6.70 -14.62
C TYR A 105 15.22 -5.26 -14.72
N ASP A 106 14.36 -4.31 -14.32
CA ASP A 106 14.79 -2.96 -14.04
C ASP A 106 15.43 -2.90 -12.67
N ILE A 107 16.45 -2.05 -12.53
CA ILE A 107 17.16 -1.83 -11.29
C ILE A 107 16.71 -0.49 -10.72
N TYR A 108 16.34 -0.52 -9.43
CA TYR A 108 15.91 0.70 -8.76
C TYR A 108 16.52 0.79 -7.36
N THR A 109 16.61 2.03 -6.85
CA THR A 109 16.87 2.28 -5.44
C THR A 109 15.72 3.12 -4.88
N THR A 110 15.40 2.86 -3.61
CA THR A 110 14.47 3.64 -2.81
C THR A 110 15.10 3.89 -1.45
N THR A 111 14.55 4.86 -0.75
CA THR A 111 15.02 5.15 0.62
C THR A 111 13.83 5.02 1.57
N ARG A 112 14.04 4.44 2.73
CA ARG A 112 12.96 4.34 3.75
C ARG A 112 13.40 5.19 4.95
N TYR A 113 12.46 5.96 5.50
CA TYR A 113 12.80 6.86 6.63
C TYR A 113 11.97 6.50 7.83
N ASN A 114 12.62 6.40 8.99
CA ASN A 114 11.90 6.08 10.25
C ASN A 114 11.06 4.83 10.02
N ALA A 115 11.68 3.78 9.48
CA ALA A 115 10.93 2.57 9.13
C ALA A 115 11.52 1.35 9.81
N PRO A 116 10.72 0.30 10.02
CA PRO A 116 11.23 -0.94 10.60
C PRO A 116 12.28 -1.65 9.74
N SER A 117 13.31 -2.12 10.43
CA SER A 117 14.41 -2.85 9.77
C SER A 117 14.79 -3.99 10.70
N ILE A 118 15.81 -4.74 10.33
CA ILE A 118 16.35 -5.81 11.23
C ILE A 118 17.14 -5.14 12.35
N ASP A 119 17.28 -3.81 12.31
CA ASP A 119 18.11 -3.09 13.31
C ASP A 119 17.24 -2.18 14.20
N GLY A 120 15.92 -2.32 14.16
CA GLY A 120 15.07 -1.41 14.95
C GLY A 120 13.74 -1.13 14.28
N ASP A 121 12.84 -0.49 15.00
CA ASP A 121 11.48 -0.20 14.48
C ASP A 121 11.49 1.17 13.80
N ARG A 122 12.59 1.93 13.98
CA ARG A 122 12.65 3.28 13.42
C ARG A 122 14.05 3.56 12.89
N THR A 123 14.26 3.32 11.59
CA THR A 123 15.58 3.47 10.97
C THR A 123 15.46 4.06 9.57
N THR A 124 16.58 4.55 9.06
CA THR A 124 16.70 5.06 7.70
C THR A 124 17.62 4.10 6.94
N PHE A 125 17.14 3.59 5.80
CA PHE A 125 17.93 2.67 5.01
C PHE A 125 17.57 2.77 3.53
N THR A 126 18.51 2.33 2.68
CA THR A 126 18.28 2.19 1.25
C THR A 126 17.86 0.76 0.92
N GLN A 127 16.99 0.66 -0.09
CA GLN A 127 16.54 -0.60 -0.68
C GLN A 127 17.07 -0.70 -2.10
N TYR A 128 17.68 -1.85 -2.44
CA TYR A 128 18.09 -2.12 -3.80
C TYR A 128 17.04 -3.04 -4.41
N TRP A 129 16.61 -2.75 -5.63
CA TRP A 129 15.66 -3.60 -6.33
C TRP A 129 16.17 -4.01 -7.71
N SER A 130 15.96 -5.29 -8.04
CA SER A 130 15.78 -5.76 -9.40
C SER A 130 14.32 -6.13 -9.54
N VAL A 131 13.58 -5.52 -10.50
CA VAL A 131 12.17 -5.83 -10.67
C VAL A 131 11.93 -6.30 -12.10
N ARG A 132 11.44 -7.53 -12.23
CA ARG A 132 11.20 -8.11 -13.53
C ARG A 132 10.24 -7.21 -14.31
N GLN A 133 10.54 -7.06 -15.59
CA GLN A 133 9.82 -6.15 -16.47
C GLN A 133 8.42 -6.67 -16.75
N SER A 134 8.25 -7.98 -16.67
CA SER A 134 6.93 -8.58 -16.73
C SER A 134 6.90 -9.74 -15.73
N LYS A 135 5.70 -10.12 -15.29
CA LYS A 135 5.57 -11.12 -14.25
C LYS A 135 6.14 -12.45 -14.73
N ARG A 136 6.96 -13.08 -13.88
CA ARG A 136 7.53 -14.37 -14.23
C ARG A 136 6.46 -15.45 -14.13
N PRO A 137 6.33 -16.37 -15.13
CA PRO A 137 5.45 -17.53 -14.97
C PRO A 137 5.78 -18.29 -13.70
N THR A 138 4.75 -18.78 -13.00
CA THR A 138 4.94 -19.51 -11.77
C THR A 138 4.45 -20.95 -11.96
N GLY A 139 4.88 -21.86 -11.09
CA GLY A 139 4.39 -23.22 -11.13
C GLY A 139 5.44 -24.22 -11.61
N SER A 140 6.48 -23.70 -12.25
CA SER A 140 7.66 -24.45 -12.66
C SER A 140 8.84 -24.07 -11.79
N ASN A 141 9.87 -24.90 -11.82
CA ASN A 141 11.08 -24.65 -11.06
C ASN A 141 11.81 -23.49 -11.70
N ALA A 142 12.17 -22.52 -10.88
CA ALA A 142 12.75 -21.27 -11.34
C ALA A 142 14.05 -21.03 -10.58
N THR A 143 14.98 -20.34 -11.23
CA THR A 143 16.24 -19.93 -10.62
CA THR A 143 16.18 -19.93 -10.52
C THR A 143 16.30 -18.42 -10.51
N ILE A 144 16.91 -17.93 -9.44
CA ILE A 144 17.44 -16.58 -9.36
C ILE A 144 18.94 -16.71 -9.08
N THR A 145 19.74 -16.39 -10.10
CA THR A 145 21.19 -16.32 -10.01
C THR A 145 21.59 -14.99 -9.39
N PHE A 146 21.71 -14.98 -8.06
CA PHE A 146 21.79 -13.71 -7.33
C PHE A 146 23.09 -12.96 -7.66
N THR A 147 24.17 -13.69 -7.98
CA THR A 147 25.42 -13.07 -8.38
CA THR A 147 25.42 -13.09 -8.40
C THR A 147 25.21 -12.09 -9.54
N ASN A 148 24.32 -12.42 -10.47
CA ASN A 148 24.10 -11.52 -11.59
C ASN A 148 23.56 -10.17 -11.14
N HIS A 149 22.66 -10.18 -10.12
CA HIS A 149 22.02 -8.98 -9.61
C HIS A 149 23.04 -8.17 -8.82
N VAL A 150 23.81 -8.86 -7.98
CA VAL A 150 24.82 -8.19 -7.16
C VAL A 150 25.84 -7.46 -8.05
N ASN A 151 26.33 -8.16 -9.07
CA ASN A 151 27.30 -7.58 -10.00
C ASN A 151 26.69 -6.40 -10.74
N ALA A 152 25.44 -6.54 -11.19
CA ALA A 152 24.79 -5.46 -11.92
C ALA A 152 24.64 -4.25 -11.00
N TRP A 153 24.14 -4.48 -9.77
CA TRP A 153 23.98 -3.40 -8.81
C TRP A 153 25.29 -2.69 -8.51
N LYS A 154 26.33 -3.49 -8.27
CA LYS A 154 27.66 -3.02 -7.94
CA LYS A 154 27.64 -2.97 -7.91
C LYS A 154 28.19 -2.13 -9.08
N SER A 155 27.93 -2.56 -10.32
CA SER A 155 28.39 -1.79 -11.46
C SER A 155 27.62 -0.47 -11.57
N HIS A 156 26.49 -0.34 -10.84
CA HIS A 156 25.73 0.89 -10.89
C HIS A 156 25.92 1.66 -9.59
N GLY A 157 26.99 1.31 -8.85
CA GLY A 157 27.36 2.03 -7.65
C GLY A 157 26.51 1.65 -6.45
N MET A 158 25.83 0.50 -6.54
CA MET A 158 24.98 0.03 -5.45
C MET A 158 25.72 -1.08 -4.69
N ASN A 159 26.37 -0.69 -3.59
CA ASN A 159 27.19 -1.59 -2.78
C ASN A 159 26.40 -2.19 -1.61
N LEU A 160 26.45 -3.51 -1.49
CA LEU A 160 25.83 -4.22 -0.41
C LEU A 160 26.79 -4.18 0.78
N GLY A 161 26.27 -4.36 2.00
CA GLY A 161 27.11 -4.40 3.19
C GLY A 161 27.90 -5.70 3.31
N SER A 162 28.89 -5.70 4.20
CA SER A 162 29.82 -6.82 4.30
C SER A 162 29.27 -7.90 5.21
N ASN A 163 28.35 -7.50 6.09
CA ASN A 163 27.70 -8.43 7.05
C ASN A 163 26.35 -8.85 6.50
N TRP A 164 26.24 -10.11 6.10
CA TRP A 164 25.01 -10.60 5.43
C TRP A 164 24.01 -11.17 6.42
N ALA A 165 22.80 -10.63 6.38
CA ALA A 165 21.75 -11.14 7.26
C ALA A 165 20.90 -12.16 6.48
N TYR A 166 19.64 -12.29 6.84
CA TYR A 166 18.79 -13.34 6.21
C TYR A 166 18.66 -13.10 4.71
N GLN A 167 18.28 -14.17 4.01
CA GLN A 167 18.09 -14.16 2.58
C GLN A 167 17.05 -15.23 2.25
N VAL A 168 15.88 -14.81 1.77
CA VAL A 168 14.76 -15.73 1.63
C VAL A 168 14.05 -15.47 0.30
N MET A 169 13.38 -16.50 -0.21
CA MET A 169 12.37 -16.31 -1.24
C MET A 169 11.02 -16.07 -0.56
N ALA A 170 10.47 -14.86 -0.75
CA ALA A 170 9.42 -14.36 0.13
C ALA A 170 8.13 -14.06 -0.60
N THR A 171 7.05 -14.08 0.18
CA THR A 171 5.82 -13.36 -0.07
C THR A 171 5.78 -12.14 0.84
N GLU A 172 5.76 -10.94 0.22
CA GLU A 172 5.58 -9.70 0.95
C GLU A 172 4.26 -9.08 0.48
N GLY A 173 3.51 -8.50 1.42
CA GLY A 173 2.22 -7.88 1.09
C GLY A 173 2.04 -6.56 1.83
N TYR A 174 1.18 -5.70 1.28
CA TYR A 174 0.77 -4.50 1.96
C TYR A 174 -0.64 -4.19 1.53
N GLN A 175 -1.54 -4.05 2.51
CA GLN A 175 -2.90 -3.62 2.25
C GLN A 175 -3.56 -4.55 1.23
N SER A 176 -3.48 -5.85 1.46
CA SER A 176 -3.95 -6.79 0.46
C SER A 176 -4.41 -8.09 1.12
N SER A 177 -4.96 -8.96 0.27
CA SER A 177 -5.27 -10.34 0.62
C SER A 177 -4.59 -11.25 -0.40
N GLY A 178 -4.50 -12.56 -0.09
CA GLY A 178 -4.07 -13.50 -1.10
C GLY A 178 -3.66 -14.86 -0.53
N SER A 179 -3.12 -15.68 -1.41
CA SER A 179 -2.66 -17.02 -1.10
C SER A 179 -1.36 -17.21 -1.88
N SER A 180 -0.38 -17.87 -1.28
CA SER A 180 0.81 -18.28 -2.00
C SER A 180 1.28 -19.61 -1.41
N ASN A 181 1.96 -20.38 -2.23
CA ASN A 181 2.63 -21.61 -1.82
C ASN A 181 3.95 -21.69 -2.60
N VAL A 182 5.07 -21.77 -1.86
CA VAL A 182 6.38 -21.70 -2.46
C VAL A 182 7.29 -22.74 -1.81
N THR A 183 8.14 -23.37 -2.63
CA THR A 183 9.21 -24.19 -2.11
C THR A 183 10.54 -23.62 -2.57
N VAL A 184 11.49 -23.54 -1.62
CA VAL A 184 12.78 -22.92 -1.81
C VAL A 184 13.89 -23.95 -1.58
N TRP A 185 14.95 -23.93 -2.39
CA TRP A 185 16.11 -24.74 -2.08
C TRP A 185 17.38 -24.19 -2.75
N SER B 2 -22.82 24.18 -5.41
CA SER B 2 -22.06 25.06 -4.47
C SER B 2 -20.68 24.45 -4.20
N THR B 3 -20.30 23.40 -4.95
CA THR B 3 -18.92 22.87 -4.77
C THR B 3 -17.94 23.97 -5.16
N ASP B 4 -16.88 24.15 -4.39
CA ASP B 4 -15.97 25.28 -4.66
C ASP B 4 -14.50 24.84 -4.58
N TYR B 5 -14.25 23.54 -4.44
CA TYR B 5 -12.86 23.07 -4.24
C TYR B 5 -12.54 21.90 -5.17
N TRP B 6 -11.35 21.96 -5.76
CA TRP B 6 -10.86 20.89 -6.63
C TRP B 6 -9.57 20.36 -6.02
N GLN B 7 -9.61 19.11 -5.55
CA GLN B 7 -8.39 18.46 -5.02
C GLN B 7 -7.82 17.55 -6.11
N ASN B 8 -6.54 17.73 -6.43
CA ASN B 8 -5.86 16.90 -7.44
C ASN B 8 -4.38 16.75 -7.04
N TRP B 9 -4.12 15.90 -6.06
CA TRP B 9 -2.73 15.75 -5.56
C TRP B 9 -2.21 14.34 -5.78
N THR B 10 -0.99 14.22 -6.32
CA THR B 10 -0.30 12.92 -6.45
C THR B 10 1.09 13.10 -5.84
N ASP B 11 1.62 12.08 -5.18
CA ASP B 11 3.01 12.14 -4.63
C ASP B 11 4.03 11.99 -5.76
N GLY B 12 3.57 11.82 -7.00
CA GLY B 12 4.47 11.69 -8.16
C GLY B 12 4.61 10.27 -8.67
N GLY B 13 4.10 9.31 -7.91
CA GLY B 13 4.24 7.89 -8.30
C GLY B 13 3.22 7.49 -9.35
N GLY B 14 3.67 6.89 -10.43
CA GLY B 14 2.77 6.36 -11.45
C GLY B 14 1.97 7.45 -12.14
N ILE B 15 0.83 7.08 -12.70
CA ILE B 15 0.07 8.06 -13.50
C ILE B 15 -1.26 8.35 -12.79
N VAL B 16 -1.58 9.63 -12.65
CA VAL B 16 -2.89 10.03 -12.07
C VAL B 16 -3.50 11.04 -13.05
N ASN B 17 -4.26 10.54 -14.02
CA ASN B 17 -4.92 11.42 -15.01
C ASN B 17 -6.30 11.79 -14.47
N ALA B 18 -6.39 12.97 -13.90
CA ALA B 18 -7.67 13.44 -13.34
C ALA B 18 -8.27 14.53 -14.24
N VAL B 19 -9.58 14.52 -14.34
CA VAL B 19 -10.28 15.49 -15.23
C VAL B 19 -11.21 16.35 -14.38
N ASN B 20 -10.96 17.66 -14.40
CA ASN B 20 -11.85 18.62 -13.72
C ASN B 20 -13.04 18.80 -14.65
N GLY B 21 -14.15 18.17 -14.32
CA GLY B 21 -15.32 18.20 -15.20
C GLY B 21 -16.24 19.36 -14.91
N SER B 22 -17.40 19.37 -15.56
CA SER B 22 -18.36 20.47 -15.36
C SER B 22 -19.04 20.32 -13.99
N GLY B 23 -19.30 21.43 -13.34
CA GLY B 23 -19.92 21.40 -12.01
C GLY B 23 -19.12 20.60 -11.00
N GLY B 24 -19.79 19.64 -10.35
CA GLY B 24 -19.12 18.83 -9.32
C GLY B 24 -18.63 17.50 -9.90
N ASN B 25 -18.54 17.42 -11.22
CA ASN B 25 -18.13 16.15 -11.87
C ASN B 25 -16.61 16.05 -11.98
N TYR B 26 -16.10 14.84 -11.79
CA TYR B 26 -14.65 14.59 -11.94
C TYR B 26 -14.45 13.12 -12.31
N SER B 27 -13.33 12.86 -12.98
CA SER B 27 -12.96 11.50 -13.41
C SER B 27 -11.49 11.29 -13.08
N VAL B 28 -11.12 10.06 -12.79
CA VAL B 28 -9.70 9.75 -12.52
C VAL B 28 -9.38 8.41 -13.19
N ASN B 29 -8.33 8.40 -13.99
CA ASN B 29 -7.81 7.12 -14.54
C ASN B 29 -6.37 7.03 -14.02
N TRP B 30 -6.06 6.01 -13.21
CA TRP B 30 -4.72 5.94 -12.58
C TRP B 30 -4.00 4.61 -12.83
N SER B 31 -2.66 4.64 -12.76
CA SER B 31 -1.85 3.43 -13.04
C SER B 31 -0.60 3.32 -12.15
N ASN B 32 -0.41 2.16 -11.51
CA ASN B 32 0.81 1.86 -10.71
C ASN B 32 1.24 3.10 -9.94
N THR B 33 0.36 3.59 -9.10
CA THR B 33 0.61 4.88 -8.44
C THR B 33 1.24 4.79 -7.06
N GLY B 34 1.66 5.94 -6.56
CA GLY B 34 2.01 6.04 -5.16
C GLY B 34 0.72 6.46 -4.47
N ASN B 35 0.78 7.46 -3.61
CA ASN B 35 -0.43 7.97 -2.93
C ASN B 35 -1.00 9.15 -3.74
N PHE B 36 -2.32 9.20 -3.86
CA PHE B 36 -2.97 10.35 -4.54
C PHE B 36 -4.37 10.57 -3.96
N VAL B 37 -4.88 11.78 -4.12
CA VAL B 37 -6.24 12.13 -3.66
C VAL B 37 -6.84 13.10 -4.69
N VAL B 38 -7.88 12.67 -5.37
CA VAL B 38 -8.60 13.56 -6.32
C VAL B 38 -10.05 13.66 -5.84
N GLY B 39 -10.56 14.88 -5.80
CA GLY B 39 -11.97 15.02 -5.44
C GLY B 39 -12.51 16.41 -5.62
N LYS B 40 -13.82 16.51 -5.49
CA LYS B 40 -14.47 17.83 -5.54
C LYS B 40 -15.28 18.01 -4.26
N GLY B 41 -15.39 19.26 -3.83
CA GLY B 41 -16.17 19.55 -2.64
C GLY B 41 -16.11 21.00 -2.20
N TRP B 42 -15.65 21.23 -0.98
CA TRP B 42 -15.81 22.53 -0.34
C TRP B 42 -14.50 22.91 0.35
N THR B 43 -14.09 24.15 0.07
CA THR B 43 -12.92 24.77 0.68
C THR B 43 -13.02 24.81 2.19
N THR B 44 -14.21 25.14 2.70
CA THR B 44 -14.45 25.15 4.14
C THR B 44 -15.51 24.12 4.45
N GLY B 45 -15.09 23.07 5.16
CA GLY B 45 -16.00 21.99 5.49
C GLY B 45 -16.96 22.43 6.59
N SER B 46 -18.08 21.71 6.68
CA SER B 46 -19.09 21.95 7.74
C SER B 46 -19.49 20.62 8.38
N PRO B 47 -19.60 20.56 9.73
CA PRO B 47 -20.07 19.34 10.41
C PRO B 47 -21.56 19.09 10.18
N PHE B 48 -22.25 20.04 9.57
CA PHE B 48 -23.71 19.93 9.36
C PHE B 48 -24.03 19.65 7.88
N ARG B 49 -23.00 19.49 7.07
CA ARG B 49 -23.28 19.35 5.62
C ARG B 49 -23.71 17.94 5.24
N THR B 50 -24.65 17.86 4.31
CA THR B 50 -25.01 16.56 3.72
C THR B 50 -24.35 16.53 2.34
N ILE B 51 -23.42 15.61 2.13
CA ILE B 51 -22.75 15.49 0.85
C ILE B 51 -23.54 14.53 -0.02
N ASN B 52 -23.77 14.95 -1.26
CA ASN B 52 -24.43 14.12 -2.25
C ASN B 52 -23.40 13.74 -3.31
N TYR B 53 -23.47 12.50 -3.81
CA TYR B 53 -22.60 12.16 -4.92
C TYR B 53 -23.24 11.04 -5.70
N ASN B 54 -22.71 10.82 -6.91
CA ASN B 54 -23.05 9.68 -7.73
C ASN B 54 -21.78 9.21 -8.41
N ALA B 55 -21.35 8.00 -8.04
CA ALA B 55 -20.15 7.44 -8.64
C ALA B 55 -20.57 6.56 -9.82
N GLY B 56 -20.67 7.19 -10.99
CA GLY B 56 -20.99 6.53 -12.23
C GLY B 56 -19.97 5.45 -12.55
N VAL B 57 -18.71 5.67 -12.13
CA VAL B 57 -17.71 4.62 -12.30
C VAL B 57 -16.93 4.47 -11.02
N TRP B 58 -16.79 3.23 -10.56
CA TRP B 58 -15.94 2.93 -9.44
C TRP B 58 -15.26 1.62 -9.76
N ALA B 59 -14.02 1.69 -10.27
CA ALA B 59 -13.35 0.48 -10.74
C ALA B 59 -11.89 0.50 -10.30
N PRO B 60 -11.63 0.41 -8.99
CA PRO B 60 -10.25 0.32 -8.52
C PRO B 60 -9.68 -1.05 -8.81
N ASN B 61 -8.39 -1.10 -9.15
CA ASN B 61 -7.63 -2.34 -9.25
C ASN B 61 -6.44 -2.28 -8.30
N GLY B 62 -6.71 -2.64 -7.04
CA GLY B 62 -5.79 -2.46 -5.93
C GLY B 62 -6.41 -1.54 -4.88
N ASN B 63 -5.55 -0.87 -4.10
CA ASN B 63 -6.03 -0.04 -3.01
C ASN B 63 -6.48 1.33 -3.55
N GLY B 64 -7.80 1.56 -3.52
CA GLY B 64 -8.45 2.85 -3.75
C GLY B 64 -9.68 2.98 -2.86
N TYR B 65 -9.94 4.20 -2.36
CA TYR B 65 -11.04 4.49 -1.46
C TYR B 65 -11.97 5.45 -2.17
N LEU B 66 -13.28 5.17 -2.07
CA LEU B 66 -14.33 6.11 -2.45
C LEU B 66 -14.85 6.68 -1.14
N THR B 67 -14.51 7.93 -0.84
CA THR B 67 -14.60 8.39 0.54
C THR B 67 -14.83 9.91 0.59
N LEU B 68 -15.62 10.32 1.58
CA LEU B 68 -15.51 11.67 2.11
C LEU B 68 -14.15 11.81 2.77
N ALA B 69 -13.49 12.92 2.47
CA ALA B 69 -12.21 13.23 3.08
C ALA B 69 -12.13 14.73 3.38
N GLY B 70 -11.63 15.04 4.56
CA GLY B 70 -11.48 16.44 4.93
C GLY B 70 -10.53 16.62 6.10
N TRP B 71 -10.42 17.89 6.50
CA TRP B 71 -9.46 18.28 7.52
C TRP B 71 -10.04 19.36 8.42
N THR B 72 -9.53 19.37 9.65
CA THR B 72 -9.57 20.55 10.51
C THR B 72 -8.17 20.89 11.01
N ARG B 73 -8.01 22.15 11.46
CA ARG B 73 -6.91 22.60 12.29
C ARG B 73 -7.45 22.91 13.69
N SER B 74 -6.54 23.02 14.67
CA SER B 74 -6.87 23.40 16.03
C SER B 74 -7.86 22.42 16.63
N PRO B 75 -7.45 21.13 16.74
CA PRO B 75 -6.20 20.65 16.15
C PRO B 75 -6.32 20.06 14.74
N LEU B 76 -5.16 19.70 14.21
CA LEU B 76 -5.01 19.17 12.88
C LEU B 76 -5.50 17.73 12.84
N ILE B 77 -6.63 17.52 12.18
CA ILE B 77 -7.19 16.19 12.09
C ILE B 77 -7.64 15.96 10.65
N GLN B 78 -7.34 14.75 10.16
CA GLN B 78 -7.88 14.29 8.89
C GLN B 78 -8.97 13.28 9.17
N TYR B 79 -10.06 13.35 8.40
CA TYR B 79 -11.20 12.50 8.63
C TYR B 79 -11.67 11.93 7.31
N TYR B 80 -12.35 10.78 7.43
CA TYR B 80 -12.79 9.99 6.30
C TYR B 80 -14.12 9.36 6.61
N VAL B 81 -14.97 9.32 5.60
CA VAL B 81 -16.13 8.45 5.61
C VAL B 81 -16.06 7.62 4.34
N VAL B 82 -15.59 6.37 4.50
CA VAL B 82 -15.33 5.49 3.39
C VAL B 82 -16.58 4.68 3.05
N ASP B 83 -17.06 4.84 1.82
CA ASP B 83 -18.23 4.14 1.32
C ASP B 83 -17.88 2.87 0.52
N SER B 84 -16.76 2.90 -0.23
CA SER B 84 -16.34 1.76 -1.04
C SER B 84 -14.82 1.76 -1.15
N TRP B 85 -14.27 0.65 -1.62
CA TRP B 85 -12.83 0.46 -1.66
C TRP B 85 -12.47 -0.62 -2.68
N GLY B 86 -11.17 -0.89 -2.85
CA GLY B 86 -10.77 -1.89 -3.82
C GLY B 86 -10.42 -3.19 -3.09
N THR B 87 -9.12 -3.47 -3.00
CA THR B 87 -8.61 -4.69 -2.38
C THR B 87 -8.31 -4.48 -0.90
N TYR B 88 -8.44 -3.26 -0.35
CA TYR B 88 -8.15 -3.05 1.07
C TYR B 88 -9.24 -2.24 1.76
N ARG B 89 -9.83 -2.78 2.85
CA ARG B 89 -10.76 -2.02 3.67
C ARG B 89 -9.98 -1.37 4.82
N PRO B 90 -9.96 -0.03 4.93
CA PRO B 90 -9.12 0.63 5.95
C PRO B 90 -9.69 0.42 7.34
N THR B 91 -8.83 0.05 8.29
CA THR B 91 -9.19 -0.18 9.67
C THR B 91 -8.14 0.50 10.55
N GLY B 92 -8.40 0.59 11.84
CA GLY B 92 -7.45 1.12 12.79
C GLY B 92 -7.89 0.71 14.19
N THR B 93 -7.75 1.62 15.15
CA THR B 93 -8.19 1.33 16.50
C THR B 93 -9.71 1.40 16.51
N TYR B 94 -10.37 0.28 16.82
CA TYR B 94 -11.82 0.23 16.82
C TYR B 94 -12.42 1.02 17.99
N LYS B 95 -13.44 1.84 17.69
CA LYS B 95 -14.09 2.70 18.66
C LYS B 95 -15.56 2.35 18.85
N GLY B 96 -16.22 1.85 17.80
CA GLY B 96 -17.66 1.66 17.81
C GLY B 96 -18.21 1.64 16.39
N THR B 97 -19.51 1.86 16.25
CA THR B 97 -20.18 1.88 14.96
C THR B 97 -21.13 3.07 14.86
N VAL B 98 -21.66 3.31 13.67
CA VAL B 98 -22.64 4.35 13.47
C VAL B 98 -23.44 3.97 12.24
N LYS B 99 -24.76 4.06 12.33
CA LYS B 99 -25.60 3.81 11.17
C LYS B 99 -25.92 5.14 10.53
N SER B 100 -25.83 5.22 9.20
CA SER B 100 -26.09 6.47 8.53
C SER B 100 -26.40 6.15 7.08
N ASP B 101 -27.43 6.81 6.53
CA ASP B 101 -27.70 6.76 5.12
C ASP B 101 -27.77 5.32 4.62
N GLY B 102 -28.48 4.48 5.36
CA GLY B 102 -28.78 3.14 4.88
C GLY B 102 -27.67 2.13 5.21
N GLY B 103 -26.61 2.53 5.91
CA GLY B 103 -25.51 1.58 6.07
C GLY B 103 -24.92 1.65 7.45
N THR B 104 -24.18 0.61 7.84
CA THR B 104 -23.47 0.62 9.10
C THR B 104 -21.98 0.81 8.87
N TYR B 105 -21.37 1.68 9.67
CA TYR B 105 -19.96 1.99 9.56
C TYR B 105 -19.29 1.65 10.88
N ASP B 106 -18.08 1.06 10.80
CA ASP B 106 -17.19 0.99 11.94
C ASP B 106 -16.43 2.31 12.07
N ILE B 107 -16.12 2.68 13.33
CA ILE B 107 -15.36 3.88 13.65
C ILE B 107 -13.97 3.48 14.12
N TYR B 108 -12.95 4.09 13.50
CA TYR B 108 -11.57 3.85 13.85
C TYR B 108 -10.83 5.16 14.06
N THR B 109 -9.73 5.07 14.83
CA THR B 109 -8.74 6.13 14.80
C THR B 109 -7.40 5.54 14.37
N THR B 110 -6.62 6.37 13.71
CA THR B 110 -5.25 6.01 13.30
C THR B 110 -4.38 7.24 13.57
N THR B 111 -3.08 7.06 13.63
CA THR B 111 -2.18 8.23 13.77
C THR B 111 -1.17 8.20 12.62
N ARG B 112 -0.90 9.36 12.04
CA ARG B 112 0.16 9.43 11.01
C ARG B 112 1.32 10.23 11.59
N TYR B 113 2.54 9.84 11.25
CA TYR B 113 3.75 10.52 11.77
C TYR B 113 4.60 10.97 10.61
N ASN B 114 5.17 12.16 10.70
CA ASN B 114 6.08 12.67 9.64
C ASN B 114 5.42 12.45 8.28
N ALA B 115 4.17 12.87 8.12
CA ALA B 115 3.45 12.58 6.90
C ALA B 115 2.99 13.89 6.27
N PRO B 116 2.72 13.92 4.96
CA PRO B 116 2.23 15.14 4.32
C PRO B 116 0.80 15.42 4.79
N SER B 117 0.51 16.72 4.89
CA SER B 117 -0.81 17.18 5.36
C SER B 117 -1.08 18.52 4.69
N ILE B 118 -2.15 19.19 5.08
CA ILE B 118 -2.46 20.56 4.58
C ILE B 118 -1.54 21.57 5.29
N ASP B 119 -0.70 21.10 6.21
CA ASP B 119 0.21 21.99 6.98
C ASP B 119 1.68 21.78 6.59
N GLY B 120 1.97 20.83 5.70
CA GLY B 120 3.38 20.52 5.39
C GLY B 120 3.64 19.06 5.08
N ASP B 121 4.91 18.64 5.10
CA ASP B 121 5.25 17.26 4.66
C ASP B 121 5.76 16.38 5.81
N ARG B 122 6.28 16.98 6.87
CA ARG B 122 6.67 16.14 8.03
C ARG B 122 5.73 16.53 9.17
N THR B 123 4.48 16.06 9.08
CA THR B 123 3.46 16.45 10.08
C THR B 123 2.95 15.20 10.80
N THR B 124 2.46 15.37 12.02
CA THR B 124 1.91 14.25 12.80
C THR B 124 0.45 14.60 13.12
N PHE B 125 -0.48 13.69 12.79
CA PHE B 125 -1.89 14.00 13.00
C PHE B 125 -2.71 12.72 13.23
N THR B 126 -3.83 12.89 13.93
CA THR B 126 -4.78 11.82 14.15
C THR B 126 -5.71 11.76 12.95
N GLN B 127 -6.10 10.54 12.54
CA GLN B 127 -7.15 10.39 11.55
C GLN B 127 -8.38 9.77 12.21
N TYR B 128 -9.56 10.26 11.79
CA TYR B 128 -10.82 9.73 12.24
C TYR B 128 -11.47 9.05 11.04
N TRP B 129 -11.97 7.83 11.24
CA TRP B 129 -12.58 7.07 10.17
C TRP B 129 -13.94 6.56 10.57
N SER B 130 -14.91 6.74 9.65
CA SER B 130 -16.05 5.86 9.55
C SER B 130 -15.82 5.05 8.29
N VAL B 131 -15.86 3.71 8.42
CA VAL B 131 -15.71 2.82 7.28
C VAL B 131 -16.92 1.89 7.17
N ARG B 132 -17.62 1.96 6.04
CA ARG B 132 -18.82 1.15 5.84
C ARG B 132 -18.42 -0.33 5.97
N GLN B 133 -19.32 -1.13 6.53
CA GLN B 133 -19.03 -2.52 6.87
C GLN B 133 -19.02 -3.41 5.63
N SER B 134 -19.79 -3.03 4.61
CA SER B 134 -19.66 -3.60 3.28
C SER B 134 -19.67 -2.47 2.25
N LYS B 135 -19.18 -2.76 1.05
CA LYS B 135 -19.08 -1.73 0.02
C LYS B 135 -20.47 -1.21 -0.35
N ARG B 136 -20.60 0.11 -0.39
CA ARG B 136 -21.86 0.72 -0.80
C ARG B 136 -22.07 0.52 -2.28
N PRO B 137 -23.28 0.13 -2.76
CA PRO B 137 -23.55 0.15 -4.20
C PRO B 137 -23.33 1.54 -4.79
N THR B 138 -22.75 1.59 -6.01
CA THR B 138 -22.49 2.86 -6.66
C THR B 138 -23.38 2.95 -7.90
N GLY B 139 -23.55 4.17 -8.42
CA GLY B 139 -24.22 4.35 -9.71
C GLY B 139 -25.54 5.10 -9.55
N SER B 140 -26.02 5.16 -8.31
CA SER B 140 -27.22 5.91 -7.95
C SER B 140 -26.84 7.10 -7.09
N ASN B 141 -27.77 8.04 -6.93
CA ASN B 141 -27.50 9.22 -6.13
C ASN B 141 -27.36 8.78 -4.68
N ALA B 142 -26.32 9.24 -3.99
CA ALA B 142 -26.04 8.79 -2.64
C ALA B 142 -25.88 9.98 -1.71
N THR B 143 -26.19 9.82 -0.42
CA THR B 143 -25.90 10.88 0.53
C THR B 143 -24.97 10.36 1.63
N ILE B 144 -24.18 11.29 2.16
CA ILE B 144 -23.48 11.13 3.42
C ILE B 144 -23.94 12.25 4.34
N THR B 145 -24.81 11.89 5.30
CA THR B 145 -25.24 12.81 6.32
C THR B 145 -24.14 12.93 7.36
N PHE B 146 -23.22 13.86 7.13
CA PHE B 146 -21.98 13.92 7.88
C PHE B 146 -22.22 14.14 9.37
N THR B 147 -23.28 14.89 9.72
CA THR B 147 -23.60 15.19 11.11
C THR B 147 -23.69 13.91 11.95
N ASN B 148 -24.20 12.83 11.37
CA ASN B 148 -24.28 11.55 12.07
C ASN B 148 -22.90 11.01 12.43
N HIS B 149 -21.94 11.15 11.51
CA HIS B 149 -20.59 10.71 11.77
C HIS B 149 -19.95 11.60 12.84
N VAL B 150 -20.12 12.92 12.70
CA VAL B 150 -19.52 13.85 13.65
C VAL B 150 -20.04 13.59 15.06
N ASN B 151 -21.34 13.40 15.20
CA ASN B 151 -21.96 13.13 16.51
C ASN B 151 -21.47 11.81 17.11
N ALA B 152 -21.52 10.72 16.31
CA ALA B 152 -21.03 9.42 16.75
C ALA B 152 -19.60 9.53 17.25
N TRP B 153 -18.74 10.16 16.42
CA TRP B 153 -17.34 10.36 16.75
C TRP B 153 -17.20 11.08 18.09
N LYS B 154 -17.96 12.16 18.23
CA LYS B 154 -17.97 13.01 19.41
C LYS B 154 -18.33 12.15 20.63
N SER B 155 -19.36 11.31 20.46
CA SER B 155 -19.77 10.44 21.55
C SER B 155 -18.63 9.48 21.89
N HIS B 156 -17.66 9.25 21.00
CA HIS B 156 -16.56 8.33 21.32
C HIS B 156 -15.27 9.08 21.63
N GLY B 157 -15.36 10.37 22.04
CA GLY B 157 -14.19 11.10 22.48
C GLY B 157 -13.36 11.63 21.30
N MET B 158 -13.93 11.56 20.09
CA MET B 158 -13.22 11.96 18.89
C MET B 158 -13.75 13.32 18.41
N ASN B 159 -13.11 14.39 18.89
CA ASN B 159 -13.54 15.76 18.62
C ASN B 159 -12.75 16.38 17.47
N LEU B 160 -13.47 16.98 16.54
CA LEU B 160 -12.82 17.65 15.42
C LEU B 160 -12.32 19.02 15.85
N GLY B 161 -11.40 19.57 15.06
CA GLY B 161 -10.80 20.87 15.35
C GLY B 161 -11.73 22.02 15.00
N SER B 162 -11.38 23.22 15.49
CA SER B 162 -12.28 24.35 15.42
C SER B 162 -12.18 25.07 14.07
N ASN B 163 -11.08 24.84 13.36
CA ASN B 163 -10.76 25.60 12.17
C ASN B 163 -10.90 24.65 10.98
N TRP B 164 -11.97 24.81 10.19
CA TRP B 164 -12.34 23.81 9.20
C TRP B 164 -11.66 24.09 7.86
N ALA B 165 -11.01 23.07 7.30
CA ALA B 165 -10.39 23.17 5.99
C ALA B 165 -11.20 22.33 5.01
N TYR B 166 -10.57 21.85 3.95
CA TYR B 166 -11.35 21.34 2.82
C TYR B 166 -12.11 20.08 3.21
N GLN B 167 -13.11 19.77 2.38
CA GLN B 167 -14.01 18.66 2.60
C GLN B 167 -14.48 18.22 1.22
N VAL B 168 -14.12 17.00 0.81
CA VAL B 168 -14.35 16.60 -0.57
C VAL B 168 -14.80 15.16 -0.61
N MET B 169 -15.51 14.82 -1.68
CA MET B 169 -15.81 13.44 -1.98
C MET B 169 -14.77 12.98 -2.99
N ALA B 170 -13.87 12.08 -2.54
CA ALA B 170 -12.60 11.80 -3.17
C ALA B 170 -12.47 10.34 -3.66
N THR B 171 -11.63 10.19 -4.68
CA THR B 171 -10.91 8.95 -4.97
C THR B 171 -9.50 9.07 -4.39
N GLU B 172 -9.16 8.21 -3.45
CA GLU B 172 -7.80 8.15 -2.91
C GLU B 172 -7.24 6.78 -3.29
N GLY B 173 -5.96 6.74 -3.71
CA GLY B 173 -5.34 5.48 -4.05
C GLY B 173 -3.95 5.35 -3.44
N TYR B 174 -3.51 4.09 -3.38
CA TYR B 174 -2.15 3.75 -3.01
C TYR B 174 -1.78 2.44 -3.71
N GLN B 175 -0.66 2.46 -4.47
CA GLN B 175 -0.12 1.25 -5.05
C GLN B 175 -1.17 0.50 -5.87
N SER B 176 -1.83 1.24 -6.76
CA SER B 176 -2.95 0.68 -7.47
C SER B 176 -3.09 1.32 -8.84
N SER B 177 -4.03 0.74 -9.60
CA SER B 177 -4.52 1.33 -10.83
C SER B 177 -6.04 1.40 -10.73
N GLY B 178 -6.67 2.17 -11.61
CA GLY B 178 -8.12 2.24 -11.56
C GLY B 178 -8.73 3.34 -12.42
N SER B 179 -10.06 3.39 -12.34
CA SER B 179 -10.88 4.41 -12.99
C SER B 179 -12.01 4.79 -12.02
N SER B 180 -12.31 6.10 -11.91
CA SER B 180 -13.51 6.52 -11.20
C SER B 180 -14.09 7.73 -11.92
N ASN B 181 -15.41 7.91 -11.75
CA ASN B 181 -16.14 9.03 -12.28
C ASN B 181 -17.21 9.35 -11.26
N VAL B 182 -17.15 10.55 -10.68
CA VAL B 182 -17.98 10.89 -9.54
C VAL B 182 -18.53 12.29 -9.77
N THR B 183 -19.77 12.54 -9.37
CA THR B 183 -20.28 13.89 -9.29
C THR B 183 -20.68 14.18 -7.85
N VAL B 184 -20.34 15.40 -7.39
CA VAL B 184 -20.53 15.81 -6.01
C VAL B 184 -21.39 17.08 -5.99
N TRP B 185 -22.36 17.13 -5.08
CA TRP B 185 -23.15 18.35 -4.89
C TRP B 185 -23.70 18.44 -3.46
#